data_3QM8
#
_entry.id   3QM8
#
_cell.length_a   34.318
_cell.length_b   51.592
_cell.length_c   38.561
_cell.angle_alpha   90.00
_cell.angle_beta   104.64
_cell.angle_gamma   90.00
#
_symmetry.space_group_name_H-M   'P 1 21 1'
#
loop_
_entity.id
_entity.type
_entity.pdbx_description
1 polymer Myoglobin
2 non-polymer 'PROTOPORPHYRIN IX CONTAINING FE'
3 non-polymer 'CYANIDE ION'
4 non-polymer 1,2-ETHANEDIOL
5 water water
#
_entity_poly.entity_id   1
_entity_poly.type   'polypeptide(L)'
_entity_poly.pdbx_seq_one_letter_code
;(ACE)ADFDAVLKCWGPVEADYTTIGGLVLTRLFKEHPETQKLFPKFAGIAQADIAGNAAVSAHGATVLKKLGELLKAKG
SHAAILKPLANSHATKHKIPINNFKLISEVLVKVMQEKAGLDAGGQTALRNVMGIIIADLEANYKELGFS
;
_entity_poly.pdbx_strand_id   A
#
loop_
_chem_comp.id
_chem_comp.type
_chem_comp.name
_chem_comp.formula
ACE non-polymer 'ACETYL GROUP' 'C2 H4 O'
CYN non-polymer 'CYANIDE ION' 'C N -1'
EDO non-polymer 1,2-ETHANEDIOL 'C2 H6 O2'
HEM non-polymer 'PROTOPORPHYRIN IX CONTAINING FE' 'C34 H32 Fe N4 O4'
#
# COMPACT_ATOMS: atom_id res chain seq x y z
C ACE A 1 -1.21 -18.78 -2.28
O ACE A 1 -1.28 -18.02 -1.30
CH3 ACE A 1 -2.19 -18.70 -3.49
N ALA A 2 -0.13 -19.51 -2.58
CA ALA A 2 1.01 -19.66 -1.67
C ALA A 2 1.62 -18.30 -1.29
N ASP A 3 1.74 -17.37 -2.26
CA ASP A 3 2.37 -16.08 -1.96
CA ASP A 3 2.27 -16.07 -1.95
C ASP A 3 1.49 -15.27 -0.97
N PHE A 4 0.14 -15.38 -1.02
CA PHE A 4 -0.71 -14.73 -0.04
C PHE A 4 -0.43 -15.33 1.35
N ASP A 5 -0.36 -16.64 1.45
CA ASP A 5 -0.02 -17.25 2.70
C ASP A 5 1.32 -16.83 3.29
N ALA A 6 2.31 -16.67 2.42
CA ALA A 6 3.64 -16.29 2.88
C ALA A 6 3.57 -14.88 3.49
N VAL A 7 2.80 -13.98 2.90
CA VAL A 7 2.67 -12.66 3.45
C VAL A 7 1.86 -12.69 4.75
N LEU A 8 0.72 -13.41 4.77
CA LEU A 8 -0.12 -13.45 5.91
C LEU A 8 0.55 -14.06 7.17
N LYS A 9 1.52 -14.96 6.93
CA LYS A 9 2.26 -15.49 8.04
CA LYS A 9 2.31 -15.53 8.01
C LYS A 9 3.21 -14.51 8.71
N CYS A 10 3.32 -13.29 8.15
CA CYS A 10 4.07 -12.22 8.73
C CYS A 10 3.21 -10.95 8.96
N TRP A 11 1.89 -11.07 8.81
CA TRP A 11 1.04 -9.89 8.96
C TRP A 11 0.72 -9.53 10.39
N GLY A 12 0.96 -10.46 11.31
CA GLY A 12 0.66 -10.22 12.73
C GLY A 12 1.23 -8.94 13.27
N PRO A 13 2.50 -8.61 13.06
CA PRO A 13 3.07 -7.37 13.59
C PRO A 13 2.45 -6.14 12.96
N VAL A 14 1.95 -6.26 11.74
CA VAL A 14 1.34 -5.16 11.04
C VAL A 14 -0.04 -4.87 11.65
N GLU A 15 -0.89 -5.91 11.69
CA GLU A 15 -2.22 -5.87 12.26
CA GLU A 15 -2.20 -5.68 12.24
C GLU A 15 -2.20 -5.51 13.76
N ALA A 16 -1.14 -5.86 14.47
CA ALA A 16 -0.99 -5.52 15.89
C ALA A 16 -0.86 -4.04 16.11
N ASP A 17 -0.32 -3.30 15.15
N ASP A 17 -0.40 -3.31 15.09
CA ASP A 17 -0.24 -1.81 15.33
CA ASP A 17 0.12 -1.96 15.27
C ASP A 17 -0.21 -1.14 13.96
C ASP A 17 -0.18 -1.15 13.99
N TYR A 18 -1.43 -1.15 13.51
CA TYR A 18 -1.71 -0.52 12.21
C TYR A 18 -1.34 0.96 12.19
N THR A 19 -1.56 1.64 13.32
CA THR A 19 -1.21 3.10 13.36
C THR A 19 0.33 3.26 13.32
N THR A 20 1.16 2.54 14.13
CA THR A 20 2.56 2.74 14.12
C THR A 20 3.14 2.32 12.76
N ILE A 21 2.75 1.15 12.27
CA ILE A 21 3.28 0.67 11.05
C ILE A 21 2.76 1.52 9.86
N GLY A 22 1.52 1.92 9.91
CA GLY A 22 0.97 2.81 8.89
C GLY A 22 1.75 4.11 8.79
N GLY A 23 2.06 4.69 9.97
CA GLY A 23 2.86 5.90 9.97
C GLY A 23 4.25 5.64 9.44
N LEU A 24 4.85 4.51 9.78
CA LEU A 24 6.18 4.19 9.22
CA LEU A 24 6.18 4.19 9.22
C LEU A 24 6.12 4.14 7.71
N VAL A 25 5.10 3.47 7.14
CA VAL A 25 5.00 3.34 5.70
C VAL A 25 4.85 4.69 5.02
N LEU A 26 3.91 5.52 5.49
CA LEU A 26 3.73 6.78 4.79
C LEU A 26 4.93 7.75 5.01
N THR A 27 5.53 7.71 6.19
CA THR A 27 6.66 8.56 6.45
C THR A 27 7.80 8.20 5.48
N ARG A 28 8.04 6.89 5.32
CA ARG A 28 9.06 6.42 4.44
CA ARG A 28 9.09 6.45 4.45
C ARG A 28 8.74 6.71 2.98
N LEU A 29 7.48 6.52 2.58
CA LEU A 29 7.06 6.85 1.22
C LEU A 29 7.37 8.32 0.90
N PHE A 30 7.00 9.23 1.79
CA PHE A 30 7.22 10.63 1.53
C PHE A 30 8.69 11.03 1.58
N LYS A 31 9.51 10.30 2.35
N LYS A 31 9.49 10.28 2.35
CA LYS A 31 10.94 10.55 2.39
CA LYS A 31 10.89 10.59 2.39
C LYS A 31 11.61 10.07 1.09
C LYS A 31 11.54 10.12 1.11
N GLU A 32 11.32 8.85 0.70
CA GLU A 32 12.03 8.22 -0.39
C GLU A 32 11.47 8.59 -1.76
N HIS A 33 10.21 9.01 -1.79
CA HIS A 33 9.49 9.31 -3.02
C HIS A 33 8.74 10.62 -2.80
N PRO A 34 9.46 11.75 -2.69
CA PRO A 34 8.86 12.97 -2.22
C PRO A 34 7.76 13.51 -3.08
N GLU A 35 7.76 13.15 -4.34
CA GLU A 35 6.72 13.60 -5.27
C GLU A 35 5.34 12.99 -4.91
N THR A 36 5.34 11.88 -4.20
CA THR A 36 4.07 11.28 -3.81
C THR A 36 3.32 12.13 -2.79
N GLN A 37 4.05 12.93 -1.99
CA GLN A 37 3.40 13.67 -0.92
C GLN A 37 2.44 14.74 -1.46
N LYS A 38 2.75 15.30 -2.64
CA LYS A 38 1.80 16.31 -3.26
CA LYS A 38 1.94 16.27 -3.28
C LYS A 38 0.57 15.71 -3.69
N LEU A 39 0.47 14.38 -3.81
CA LEU A 39 -0.77 13.73 -4.16
C LEU A 39 -1.73 13.62 -3.01
N PHE A 40 -1.30 14.02 -1.76
CA PHE A 40 -2.15 14.03 -0.58
C PHE A 40 -2.29 15.48 -0.21
N PRO A 41 -3.26 16.22 -0.71
CA PRO A 41 -3.28 17.65 -0.39
C PRO A 41 -3.31 17.94 1.13
N LYS A 42 -3.88 17.03 1.97
CA LYS A 42 -3.85 17.26 3.41
CA LYS A 42 -3.89 17.21 3.43
C LYS A 42 -2.47 17.20 4.01
N PHE A 43 -1.56 16.50 3.36
CA PHE A 43 -0.22 16.28 3.87
C PHE A 43 0.86 17.01 3.03
N ALA A 44 0.55 17.44 1.83
CA ALA A 44 1.53 18.08 0.95
C ALA A 44 2.11 19.32 1.67
N GLY A 45 3.41 19.46 1.62
CA GLY A 45 4.07 20.63 2.20
C GLY A 45 4.47 20.44 3.66
N ILE A 46 4.14 19.36 4.28
CA ILE A 46 4.64 19.13 5.64
C ILE A 46 6.10 18.74 5.57
N ALA A 47 6.93 19.47 6.29
CA ALA A 47 8.37 19.20 6.33
C ALA A 47 8.55 17.73 6.84
N GLN A 48 9.55 17.10 6.21
CA GLN A 48 9.78 15.68 6.54
C GLN A 48 9.93 15.42 8.05
N ALA A 49 10.65 16.30 8.73
CA ALA A 49 10.84 16.09 10.17
C ALA A 49 9.56 16.03 11.04
N ASP A 50 8.47 16.39 10.42
N ASP A 50 8.50 16.60 10.54
CA ASP A 50 7.27 16.59 11.18
CA ASP A 50 7.19 16.67 11.16
C ASP A 50 6.17 15.54 10.85
C ASP A 50 6.27 15.42 10.85
N ILE A 51 6.72 14.60 9.88
CA ILE A 51 5.79 13.59 9.41
C ILE A 51 5.67 12.39 10.36
N ALA A 52 6.82 11.88 10.90
CA ALA A 52 6.82 10.66 11.75
C ALA A 52 5.90 10.82 12.93
N GLY A 53 5.84 11.99 13.51
CA GLY A 53 4.98 12.29 14.69
C GLY A 53 3.54 12.73 14.45
N ASN A 54 3.17 12.77 13.14
CA ASN A 54 1.93 13.32 12.77
C ASN A 54 0.83 12.22 12.94
N ALA A 55 -0.14 12.46 13.85
CA ALA A 55 -1.13 11.48 14.15
C ALA A 55 -2.11 11.29 12.97
N ALA A 56 -2.38 12.32 12.21
CA ALA A 56 -3.23 12.18 11.05
C ALA A 56 -2.61 11.31 9.94
N VAL A 57 -1.30 11.50 9.72
CA VAL A 57 -0.58 10.69 8.77
C VAL A 57 -0.66 9.23 9.23
N SER A 58 -0.35 8.97 10.50
CA SER A 58 -0.39 7.58 10.98
C SER A 58 -1.79 6.97 10.89
N ALA A 59 -2.83 7.75 11.22
CA ALA A 59 -4.21 7.25 11.11
C ALA A 59 -4.54 6.90 9.66
N HIS A 60 -4.10 7.74 8.71
CA HIS A 60 -4.37 7.41 7.35
C HIS A 60 -3.59 6.14 6.92
N GLY A 61 -2.33 6.03 7.36
CA GLY A 61 -1.59 4.82 7.07
C GLY A 61 -2.28 3.57 7.63
N ALA A 62 -2.87 3.70 8.83
CA ALA A 62 -3.62 2.57 9.37
C ALA A 62 -4.79 2.19 8.47
N THR A 63 -5.49 3.19 7.91
CA THR A 63 -6.59 2.91 6.97
C THR A 63 -6.13 2.14 5.77
N VAL A 64 -4.97 2.57 5.20
CA VAL A 64 -4.42 1.91 4.07
C VAL A 64 -4.07 0.46 4.37
N LEU A 65 -3.37 0.24 5.49
CA LEU A 65 -2.94 -1.10 5.84
C LEU A 65 -4.11 -2.03 6.20
N LYS A 66 -5.13 -1.47 6.84
CA LYS A 66 -6.32 -2.31 7.10
C LYS A 66 -6.97 -2.72 5.78
N LYS A 67 -7.04 -1.82 4.83
CA LYS A 67 -7.60 -2.20 3.52
C LYS A 67 -6.78 -3.24 2.86
N LEU A 68 -5.46 -3.07 2.91
CA LEU A 68 -4.59 -4.06 2.28
CA LEU A 68 -4.53 -4.06 2.37
C LEU A 68 -4.73 -5.38 3.03
N GLY A 69 -4.88 -5.41 4.36
CA GLY A 69 -5.12 -6.65 5.05
C GLY A 69 -6.36 -7.35 4.58
N GLU A 70 -7.48 -6.57 4.68
N GLU A 70 -7.39 -6.55 4.22
CA GLU A 70 -8.83 -7.05 4.30
CA GLU A 70 -8.64 -7.13 3.66
C GLU A 70 -8.73 -7.77 2.97
C GLU A 70 -8.34 -7.74 2.28
N LEU A 71 -8.05 -7.18 2.00
N LEU A 71 -7.57 -7.03 1.44
CA LEU A 71 -7.80 -7.82 0.74
CA LEU A 71 -7.20 -7.56 0.11
C LEU A 71 -6.99 -9.16 0.90
C LEU A 71 -6.36 -8.83 0.24
N LEU A 72 -5.89 -9.09 1.64
N LEU A 72 -5.36 -8.82 1.10
CA LEU A 72 -4.79 -9.99 1.42
CA LEU A 72 -4.53 -10.05 1.31
C LEU A 72 -5.46 -11.26 1.65
C LEU A 72 -5.28 -11.28 1.86
N LYS A 73 -6.33 -11.12 2.66
N LYS A 73 -6.21 -11.06 2.77
CA LYS A 73 -7.11 -12.15 3.23
CA LYS A 73 -6.96 -12.14 3.26
C LYS A 73 -8.22 -12.60 2.33
C LYS A 73 -7.94 -12.66 2.18
N ALA A 74 -8.38 -11.83 1.24
CA ALA A 74 -9.18 -12.29 0.12
C ALA A 74 -8.46 -13.19 -0.93
N LYS A 75 -7.12 -13.22 -0.89
CA LYS A 75 -6.38 -14.14 -1.71
C LYS A 75 -6.74 -14.11 -3.22
N GLY A 76 -7.00 -12.92 -3.74
CA GLY A 76 -7.21 -12.75 -5.15
C GLY A 76 -8.68 -12.65 -5.51
N SER A 77 -9.54 -13.10 -4.61
CA SER A 77 -11.09 -12.97 -4.79
C SER A 77 -11.58 -11.73 -4.24
N HIS A 78 -11.25 -10.64 -4.88
CA HIS A 78 -11.26 -9.36 -4.20
C HIS A 78 -12.06 -8.28 -4.96
N ALA A 79 -12.91 -8.60 -5.96
CA ALA A 79 -13.45 -7.54 -6.76
C ALA A 79 -14.26 -6.49 -5.99
N ALA A 80 -15.09 -6.94 -5.04
CA ALA A 80 -15.91 -6.01 -4.30
C ALA A 80 -15.08 -5.08 -3.41
N ILE A 81 -13.87 -5.47 -3.06
CA ILE A 81 -12.98 -4.66 -2.29
C ILE A 81 -12.16 -3.75 -3.20
N LEU A 82 -11.61 -4.31 -4.25
N LEU A 82 -11.63 -4.30 -4.30
CA LEU A 82 -10.69 -3.56 -5.15
CA LEU A 82 -10.61 -3.67 -5.13
C LEU A 82 -11.31 -2.62 -6.24
C LEU A 82 -11.28 -2.65 -6.11
N LYS A 83 -12.46 -2.94 -6.69
CA LYS A 83 -13.08 -2.01 -7.67
CA LYS A 83 -13.04 -2.02 -7.70
C LYS A 83 -13.34 -0.65 -7.06
N PRO A 84 -13.90 -0.56 -5.86
CA PRO A 84 -14.08 0.75 -5.28
C PRO A 84 -12.78 1.52 -5.07
N LEU A 85 -11.69 0.78 -4.75
CA LEU A 85 -10.42 1.43 -4.53
CA LEU A 85 -10.34 1.42 -4.59
C LEU A 85 -9.87 1.99 -5.86
N ALA A 86 -9.98 1.22 -6.96
CA ALA A 86 -9.60 1.74 -8.23
C ALA A 86 -10.42 3.00 -8.58
N ASN A 87 -11.73 2.91 -8.37
CA ASN A 87 -12.60 4.03 -8.71
C ASN A 87 -12.18 5.30 -7.95
N SER A 88 -11.99 5.18 -6.63
CA SER A 88 -11.66 6.37 -5.85
C SER A 88 -10.26 6.90 -6.22
N HIS A 89 -9.32 5.99 -6.40
CA HIS A 89 -7.94 6.44 -6.67
C HIS A 89 -7.78 7.04 -8.05
N ALA A 90 -8.50 6.52 -9.06
CA ALA A 90 -8.41 7.11 -10.38
C ALA A 90 -9.17 8.44 -10.44
N THR A 91 -10.38 8.48 -9.87
CA THR A 91 -11.34 9.57 -10.14
C THR A 91 -11.42 10.63 -9.03
N LYS A 92 -11.20 10.28 -7.80
CA LYS A 92 -11.27 11.24 -6.68
C LYS A 92 -9.88 11.73 -6.33
N HIS A 93 -8.95 10.80 -6.08
CA HIS A 93 -7.63 11.17 -5.63
C HIS A 93 -6.69 11.46 -6.78
N LYS A 94 -6.97 10.89 -7.96
CA LYS A 94 -6.25 11.15 -9.21
C LYS A 94 -4.79 10.70 -9.08
N ILE A 95 -4.60 9.44 -8.70
CA ILE A 95 -3.30 8.87 -8.45
C ILE A 95 -2.80 8.12 -9.65
N PRO A 96 -1.70 8.57 -10.31
CA PRO A 96 -1.18 7.80 -11.43
C PRO A 96 -0.74 6.41 -10.93
N ILE A 97 -0.98 5.33 -11.77
N ILE A 97 -1.02 5.44 -11.77
CA ILE A 97 -0.78 3.90 -11.36
CA ILE A 97 -0.85 4.05 -11.39
C ILE A 97 0.62 3.62 -10.77
C ILE A 97 0.58 3.61 -10.99
N ASN A 98 1.63 4.27 -11.42
CA ASN A 98 2.98 3.95 -11.01
CA ASN A 98 2.95 3.84 -10.99
C ASN A 98 3.19 4.14 -9.48
N ASN A 99 2.46 5.07 -8.93
CA ASN A 99 2.69 5.31 -7.50
C ASN A 99 2.38 4.10 -6.62
N PHE A 100 1.50 3.19 -7.07
CA PHE A 100 1.26 2.01 -6.29
C PHE A 100 2.49 1.11 -6.15
N LYS A 101 3.33 1.08 -7.18
CA LYS A 101 4.58 0.31 -7.07
C LYS A 101 5.49 0.88 -6.01
N LEU A 102 5.47 2.22 -5.86
CA LEU A 102 6.33 2.91 -4.90
C LEU A 102 5.90 2.52 -3.46
N ILE A 103 4.61 2.62 -3.15
CA ILE A 103 4.20 2.27 -1.82
C ILE A 103 4.40 0.77 -1.53
N SER A 104 4.30 -0.04 -2.59
N SER A 104 4.20 -0.08 -2.55
CA SER A 104 4.54 -1.44 -2.38
CA SER A 104 4.46 -1.55 -2.43
C SER A 104 6.03 -1.68 -2.07
C SER A 104 5.84 -1.84 -1.88
N GLU A 105 6.97 -0.92 -2.71
N GLU A 105 6.82 -1.25 -2.60
CA GLU A 105 8.41 -1.09 -2.43
CA GLU A 105 8.21 -1.43 -2.23
C GLU A 105 8.66 -0.72 -0.99
C GLU A 105 8.54 -0.84 -0.83
N VAL A 106 8.00 0.31 -0.51
CA VAL A 106 8.16 0.78 0.89
C VAL A 106 7.61 -0.27 1.87
N LEU A 107 6.44 -0.84 1.58
CA LEU A 107 5.88 -1.85 2.46
C LEU A 107 6.80 -3.04 2.59
N VAL A 108 7.39 -3.48 1.47
CA VAL A 108 8.31 -4.63 1.55
C VAL A 108 9.44 -4.25 2.54
N LYS A 109 10.02 -3.07 2.45
CA LYS A 109 11.10 -2.70 3.38
C LYS A 109 10.65 -2.65 4.81
N VAL A 110 9.48 -2.04 5.04
CA VAL A 110 8.98 -1.91 6.40
C VAL A 110 8.69 -3.30 6.97
N MET A 111 8.11 -4.22 6.18
CA MET A 111 7.84 -5.56 6.70
C MET A 111 9.16 -6.36 6.93
N GLN A 112 10.16 -6.14 6.08
CA GLN A 112 11.46 -6.75 6.34
C GLN A 112 11.96 -6.28 7.68
N GLU A 113 11.83 -5.03 8.02
N GLU A 113 11.90 -4.98 8.05
CA GLU A 113 12.43 -4.53 9.20
CA GLU A 113 12.46 -4.49 9.30
C GLU A 113 11.59 -4.75 10.46
C GLU A 113 11.60 -4.94 10.46
N LYS A 114 10.27 -4.79 10.33
CA LYS A 114 9.37 -4.79 11.48
C LYS A 114 8.53 -6.06 11.63
N ALA A 115 8.43 -6.87 10.59
CA ALA A 115 7.48 -7.99 10.59
C ALA A 115 8.09 -9.29 10.27
N GLY A 116 9.41 -9.38 10.23
CA GLY A 116 10.02 -10.69 10.03
C GLY A 116 9.90 -11.22 8.63
N LEU A 117 9.67 -10.38 7.65
CA LEU A 117 9.47 -10.88 6.26
C LEU A 117 10.84 -11.15 5.64
N ASP A 118 11.11 -12.43 5.40
CA ASP A 118 12.39 -12.89 4.90
C ASP A 118 12.50 -12.65 3.38
N ALA A 119 13.62 -13.12 2.80
N ALA A 119 13.65 -13.05 2.75
CA ALA A 119 13.90 -12.72 1.45
CA ALA A 119 13.85 -12.92 1.27
C ALA A 119 12.80 -13.36 0.54
C ALA A 119 12.68 -13.43 0.47
N GLY A 120 12.34 -14.62 0.81
CA GLY A 120 11.32 -15.28 0.08
C GLY A 120 9.97 -14.57 0.27
N GLY A 121 9.67 -14.13 1.50
CA GLY A 121 8.57 -13.36 1.81
C GLY A 121 8.47 -12.03 1.08
N GLN A 122 9.60 -11.38 0.90
CA GLN A 122 9.70 -10.11 0.20
CA GLN A 122 9.64 -10.20 0.14
C GLN A 122 9.26 -10.40 -1.27
N THR A 123 9.61 -11.63 -1.83
N THR A 123 9.94 -11.29 -1.93
CA THR A 123 9.25 -11.99 -3.22
CA THR A 123 9.43 -11.68 -3.28
C THR A 123 7.80 -12.09 -3.37
C THR A 123 7.86 -12.06 -3.34
N ALA A 124 7.36 -12.79 -2.37
CA ALA A 124 5.91 -13.15 -2.27
C ALA A 124 5.09 -11.82 -2.23
N LEU A 125 5.48 -10.91 -1.38
CA LEU A 125 4.73 -9.64 -1.28
C LEU A 125 4.80 -8.89 -2.53
N ARG A 126 6.00 -8.83 -3.20
CA ARG A 126 6.04 -8.18 -4.48
CA ARG A 126 6.10 -8.18 -4.47
C ARG A 126 5.09 -8.79 -5.48
N ASN A 127 5.02 -10.12 -5.47
CA ASN A 127 4.11 -10.79 -6.39
C ASN A 127 2.65 -10.45 -6.10
N VAL A 128 2.24 -10.49 -4.83
CA VAL A 128 0.92 -10.17 -4.46
C VAL A 128 0.55 -8.71 -4.78
N MET A 129 1.46 -7.81 -4.46
CA MET A 129 1.23 -6.44 -4.86
C MET A 129 1.13 -6.29 -6.35
N GLY A 130 1.88 -7.07 -7.10
CA GLY A 130 1.77 -7.03 -8.59
C GLY A 130 0.35 -7.45 -9.05
N ILE A 131 -0.23 -8.48 -8.40
CA ILE A 131 -1.61 -8.87 -8.68
C ILE A 131 -2.55 -7.68 -8.45
N ILE A 132 -2.42 -7.09 -7.26
CA ILE A 132 -3.31 -5.97 -6.89
C ILE A 132 -3.14 -4.81 -7.88
N ILE A 133 -1.90 -4.46 -8.19
CA ILE A 133 -1.67 -3.34 -9.06
C ILE A 133 -2.18 -3.61 -10.48
N ALA A 134 -2.00 -4.81 -10.98
CA ALA A 134 -2.51 -5.13 -12.31
C ALA A 134 -4.02 -5.03 -12.35
N ASP A 135 -4.68 -5.44 -11.28
CA ASP A 135 -6.13 -5.31 -11.20
CA ASP A 135 -6.19 -5.34 -11.20
C ASP A 135 -6.57 -3.84 -11.14
N LEU A 136 -5.88 -3.07 -10.28
CA LEU A 136 -6.16 -1.64 -10.25
C LEU A 136 -5.99 -1.07 -11.64
N GLU A 137 -4.94 -1.42 -12.30
CA GLU A 137 -4.68 -0.81 -13.70
CA GLU A 137 -4.70 -0.87 -13.57
C GLU A 137 -5.78 -1.25 -14.62
N ALA A 138 -6.24 -2.47 -14.58
CA ALA A 138 -7.28 -2.90 -15.52
C ALA A 138 -8.57 -2.11 -15.27
N ASN A 139 -8.88 -1.86 -13.99
CA ASN A 139 -10.07 -1.03 -13.65
C ASN A 139 -9.87 0.43 -14.01
N TYR A 140 -8.65 0.96 -13.81
CA TYR A 140 -8.36 2.31 -14.32
C TYR A 140 -8.69 2.39 -15.80
N LYS A 141 -8.26 1.40 -16.57
CA LYS A 141 -8.49 1.44 -18.03
CA LYS A 141 -8.52 1.41 -18.03
C LYS A 141 -10.03 1.41 -18.30
N GLU A 142 -10.79 0.64 -17.57
CA GLU A 142 -12.26 0.62 -17.76
C GLU A 142 -12.86 2.01 -17.58
N LEU A 143 -12.26 2.85 -16.73
CA LEU A 143 -12.67 4.22 -16.48
C LEU A 143 -12.10 5.21 -17.43
N GLY A 144 -11.22 4.83 -18.33
CA GLY A 144 -10.59 5.73 -19.24
C GLY A 144 -9.27 6.35 -18.81
N PHE A 145 -8.58 5.65 -17.86
N PHE A 145 -8.58 5.68 -17.87
CA PHE A 145 -7.34 6.17 -17.24
CA PHE A 145 -7.27 6.10 -17.41
C PHE A 145 -6.21 5.15 -17.53
C PHE A 145 -6.24 5.03 -17.82
N SER A 146 -6.09 4.76 -18.81
N SER A 146 -5.27 5.43 -18.63
CA SER A 146 -5.08 3.84 -19.19
CA SER A 146 -4.44 4.39 -19.17
C SER A 146 -3.74 4.52 -19.32
C SER A 146 -3.11 4.40 -18.58
CHA HEM B . -7.39 7.29 0.33
CHA HEM B . -7.24 7.19 0.50
CHB HEM B . -6.15 2.67 0.34
CHB HEM B . -3.55 8.14 -2.46
CHC HEM B . -2.29 3.68 -2.44
CHC HEM B . -2.27 3.46 -2.15
CHD HEM B . -3.43 8.35 -2.23
CHD HEM B . -5.96 2.48 0.46
C1A HEM B . -7.44 5.93 0.53
C1A HEM B . -6.36 7.83 -0.32
C2A HEM B . -8.49 5.21 1.30
C2A HEM B . -6.32 9.31 -0.54
C2A HEM B . -8.41 5.13 1.32
C3A HEM B . -8.09 3.93 1.29
C3A HEM B . -5.29 9.53 -1.35
C4A HEM B . -6.83 3.84 0.56
C4A HEM B . -4.64 8.25 -1.65
CMA HEM B . -8.79 2.76 1.95
CMA HEM B . -4.89 10.94 -1.86
CAA HEM B . -9.73 5.79 1.89
CAA HEM B . -7.27 10.42 0.00
CAA HEM B . -9.65 5.72 1.88
CBA HEM B . -10.90 5.67 0.91
CBA HEM B . -6.85 10.83 1.40
CBA HEM B . -10.90 5.28 1.09
CGA HEM B . -10.68 6.37 -0.39
CGA HEM B . -7.90 11.68 2.12
CGA HEM B . -10.78 5.72 -0.34
O1A HEM B . -10.52 7.58 -0.34
O1A HEM B . -8.56 12.49 1.44
O1A HEM B . -10.69 7.03 -0.56
O2A HEM B . -10.52 5.67 -1.43
O2A HEM B . -8.11 11.57 3.37
O2A HEM B . -10.80 4.85 -1.21
C1B HEM B . -5.00 2.51 -0.42
C1B HEM B . -2.84 6.93 -2.61
C2B HEM B . -4.33 1.25 -0.64
C2B HEM B . -1.51 6.80 -3.11
C3B HEM B . -3.25 1.50 -1.43
C3B HEM B . -1.19 5.50 -3.02
C4B HEM B . -3.25 2.94 -1.72
C4B HEM B . -2.25 4.78 -2.42
CMB HEM B . -4.78 -0.05 -0.04
CMB HEM B . -0.68 7.97 -3.70
CAB HEM B . -2.24 0.55 -1.96
CAB HEM B . 0.14 5.02 -3.53
CBB HEM B . -2.59 -0.71 -2.50
CBB HEM B . 1.35 5.76 -3.51
C1C HEM B . -2.25 5.04 -2.62
C1C HEM B . -3.18 2.88 -1.47
C2C HEM B . -1.17 5.75 -3.29
C2C HEM B . -3.14 1.51 -1.27
C3C HEM B . -1.46 7.07 -3.17
C3C HEM B . -4.21 1.14 -0.56
C4C HEM B . -2.77 7.16 -2.52
C4C HEM B . -4.86 2.38 -0.31
CMC HEM B . -0.05 5.01 -3.99
CMC HEM B . -2.02 0.76 -1.90
CAC HEM B . -0.66 8.24 -3.61
CAC HEM B . -4.64 -0.21 -0.05
CBC HEM B . 0.65 8.13 -3.79
CBC HEM B . -4.68 -1.21 -0.87
C1D HEM B . -4.61 8.47 -1.55
C1D HEM B . -6.63 3.69 0.75
C2D HEM B . -5.23 9.73 -1.20
C2D HEM B . -7.87 3.80 1.50
C3D HEM B . -6.32 9.48 -0.42
C3D HEM B . -8.24 5.30 1.49
C3D HEM B . -6.37 9.31 -0.47
C4D HEM B . -6.38 7.99 -0.35
C4D HEM B . -7.20 5.88 0.73
CMD HEM B . -4.74 11.08 -1.61
CMD HEM B . -8.59 2.66 2.24
CAD HEM B . -7.29 10.46 0.20
CAD HEM B . -9.39 6.06 2.07
CAD HEM B . -7.36 10.28 0.17
CBD HEM B . -6.71 11.04 1.46
CBD HEM B . -10.74 5.75 1.40
CBD HEM B . -6.90 10.76 1.58
CGD HEM B . -7.72 11.93 2.17
CGD HEM B . -10.93 5.47 -0.10
CGD HEM B . -7.96 11.63 2.36
O1D HEM B . -8.18 12.94 1.59
O1D HEM B . -10.63 6.36 -0.92
O1D HEM B . -8.45 12.57 1.75
O2D HEM B . -8.11 11.66 3.35
O2D HEM B . -11.51 4.38 -0.33
O2D HEM B . -8.33 11.30 3.55
NA HEM B . -6.47 5.07 0.08
NA HEM B . -5.28 7.20 -0.98
NB HEM B . -4.36 3.52 -1.07
NB HEM B . -3.23 5.65 -2.16
NC HEM B . -3.22 5.93 -2.17
NC HEM B . -4.22 3.44 -0.88
ND HEM B . -5.34 7.42 -1.01
ND HEM B . -6.31 4.93 0.30
FE HEM B . -4.89 5.50 -1.11
FE HEM B . -4.75 5.31 -0.92
C CYN C . -3.69 5.89 0.42
N CYN C . -2.85 6.27 1.15
C1 EDO D . -14.41 -0.71 -11.57
O1 EDO D . -15.70 -1.30 -11.52
C2 EDO D . -14.24 0.24 -12.73
O2 EDO D . -15.19 1.31 -12.63
C1 EDO E . -2.36 17.30 10.48
O1 EDO E . -1.55 17.18 11.66
C2 EDO E . -1.71 17.01 9.35
O2 EDO E . -2.46 16.76 8.16
#